data_8B0C
#
_entry.id   8B0C
#
_cell.length_a   45.976
_cell.length_b   71.441
_cell.length_c   78.261
_cell.angle_alpha   90.000
_cell.angle_beta   95.450
_cell.angle_gamma   90.000
#
_symmetry.space_group_name_H-M   'P 1 21 1'
#
loop_
_entity.id
_entity.type
_entity.pdbx_description
1 polymer 'Heparanase 50 kDa subunit'
2 polymer 'Heparanase 8 kDa subunit'
3 non-polymer 2-acetamido-2-deoxy-beta-D-glucopyranose
4 non-polymer '(1~{S},2~{R},3~{R},4~{S},6~{S})-3,4,6-tris(oxidanyl)-2-[2-[2,2,2-tris(fluoranyl)ethanoylamino]ethoxy]cyclohexane-1-carboxylic acid'
5 water water
#
loop_
_entity_poly.entity_id
_entity_poly.type
_entity_poly.pdbx_seq_one_letter_code
_entity_poly.pdbx_strand_id
1 'polypeptide(L)'
;KFKNSTYSRSSVDVLYTFANCSGLDLIFGLNALLRTADLQWNSSNAQLLLDYCSSKGYNISWELGNEPNSFLKKADIFIN
GSQLGEDFIQLHKLLRKSTFKNAKLYGPDVGQPRRKTAKMLKSFLKAGGEVIDSVTWHHYYLNGRTATREDFLNPDVLDI
FISSVQKVFQVVESTRPGKKVWLGETSSAYGGGAPLLSDTFAAGFMWLDKLGLSARMGIEVVMRQVFFGAGNYHLVDENF
DPLPDYWLSLLFKKLVGTKVLMASVQGSKRRKLRVYLHCTNTDNPRYKEGDLTLYAINLHNVTKYLRLPYPFSNKQVDKY
LLRPLGPHGLLSKSVQLNGLTLKMVDDQTLPPLMEKPLRPGSSLGLPAFSYSFFVIRNAKVAACI
;
AAA
2 'polypeptide(L)' QDVVDLDFFTQEPLHLVSPSFLSVTIDANLATDPRFLILLGSPKLRTLARGLSPAYLRFGGTKTDFLIFDPKKE BBB
#
# COMPACT_ATOMS: atom_id res chain seq x y z
N PHE A 2 15.01 21.45 4.69
CA PHE A 2 15.36 20.35 3.71
C PHE A 2 16.31 20.89 2.63
N LYS A 3 17.57 20.40 2.61
CA LYS A 3 18.65 20.84 1.68
C LYS A 3 18.63 19.94 0.43
N ASN A 4 19.20 20.43 -0.68
CA ASN A 4 19.41 19.63 -1.90
C ASN A 4 20.41 18.51 -1.56
N SER A 5 20.40 17.42 -2.33
CA SER A 5 21.41 16.35 -2.28
C SER A 5 21.47 15.76 -3.68
N THR A 6 22.68 15.40 -4.13
CA THR A 6 22.88 14.68 -5.41
C THR A 6 22.91 13.18 -5.10
N TYR A 7 22.74 12.36 -6.13
CA TYR A 7 22.84 10.87 -6.06
C TYR A 7 23.51 10.41 -7.37
N SER A 8 24.17 9.25 -7.38
CA SER A 8 25.00 8.76 -8.51
C SER A 8 24.23 7.72 -9.33
N ARG A 9 24.72 7.45 -10.55
CA ARG A 9 24.32 6.30 -11.41
C ARG A 9 24.40 5.01 -10.58
N SER A 10 25.44 4.90 -9.76
CA SER A 10 25.64 3.83 -8.76
C SER A 10 24.33 3.59 -7.96
N SER A 11 23.73 4.66 -7.38
CA SER A 11 22.45 4.63 -6.60
C SER A 11 21.29 4.14 -7.50
N VAL A 12 21.15 4.72 -8.68
CA VAL A 12 20.12 4.30 -9.66
C VAL A 12 20.27 2.80 -9.93
N ASP A 13 21.51 2.30 -9.97
CA ASP A 13 21.82 0.88 -10.29
C ASP A 13 21.46 -0.01 -9.11
N VAL A 14 21.78 0.41 -7.89
CA VAL A 14 21.48 -0.37 -6.65
C VAL A 14 19.96 -0.52 -6.57
N LEU A 15 19.24 0.61 -6.54
CA LEU A 15 17.76 0.68 -6.50
C LEU A 15 17.15 -0.26 -7.55
N TYR A 16 17.54 -0.10 -8.81
CA TYR A 16 16.96 -0.82 -9.96
C TYR A 16 17.17 -2.34 -9.85
N THR A 17 18.32 -2.79 -9.34
CA THR A 17 18.65 -4.25 -9.29
C THR A 17 17.97 -4.88 -8.09
N PHE A 18 17.90 -4.17 -6.97
CA PHE A 18 16.96 -4.46 -5.85
C PHE A 18 15.54 -4.73 -6.40
N ALA A 19 14.90 -3.75 -7.04
CA ALA A 19 13.55 -3.89 -7.65
C ALA A 19 13.56 -5.12 -8.57
N ASN A 20 14.44 -5.10 -9.58
CA ASN A 20 14.53 -6.10 -10.67
C ASN A 20 14.64 -7.51 -10.06
N CYS A 21 15.61 -7.70 -9.18
CA CYS A 21 15.95 -9.04 -8.63
C CYS A 21 14.87 -9.45 -7.60
N SER A 22 14.02 -8.52 -7.13
CA SER A 22 12.95 -8.84 -6.15
C SER A 22 11.59 -9.05 -6.84
N GLY A 23 11.50 -8.85 -8.16
CA GLY A 23 10.23 -9.02 -8.90
C GLY A 23 9.24 -7.92 -8.61
N LEU A 24 9.73 -6.69 -8.41
CA LEU A 24 8.94 -5.46 -8.15
C LEU A 24 9.12 -4.46 -9.30
N ASP A 25 8.09 -3.66 -9.54
CA ASP A 25 8.05 -2.68 -10.65
C ASP A 25 8.43 -1.31 -10.07
N LEU A 26 9.60 -0.80 -10.42
CA LEU A 26 10.15 0.43 -9.84
C LEU A 26 9.35 1.64 -10.36
N ILE A 27 8.95 2.53 -9.45
CA ILE A 27 8.38 3.87 -9.78
C ILE A 27 9.32 4.92 -9.18
N PHE A 28 9.82 5.85 -10.00
CA PHE A 28 10.85 6.81 -9.55
C PHE A 28 10.24 8.21 -9.59
N GLY A 29 10.24 8.89 -8.45
CA GLY A 29 9.77 10.28 -8.31
C GLY A 29 10.87 11.27 -8.70
N LEU A 30 10.59 12.12 -9.69
CA LEU A 30 11.50 13.19 -10.19
C LEU A 30 11.26 14.46 -9.38
N ASN A 31 12.34 15.20 -9.11
CA ASN A 31 12.34 16.53 -8.46
C ASN A 31 11.49 17.48 -9.30
N ALA A 32 10.44 18.04 -8.72
CA ALA A 32 9.51 18.95 -9.39
C ALA A 32 9.76 20.39 -8.94
N LEU A 33 10.75 20.59 -8.06
CA LEU A 33 11.12 21.92 -7.51
C LEU A 33 12.28 22.55 -8.28
N LEU A 34 12.84 21.84 -9.27
CA LEU A 34 13.73 22.45 -10.29
C LEU A 34 12.86 23.22 -11.30
N ARG A 35 12.88 24.54 -11.21
CA ARG A 35 12.00 25.46 -11.97
C ARG A 35 12.82 26.36 -12.91
N THR A 36 12.17 27.03 -13.86
CA THR A 36 12.76 28.12 -14.68
C THR A 36 12.41 29.44 -14.01
N ALA A 37 12.96 30.54 -14.52
CA ALA A 37 12.68 31.92 -14.06
C ALA A 37 11.18 32.11 -13.78
N ASP A 38 10.29 31.64 -14.67
CA ASP A 38 8.82 31.93 -14.65
C ASP A 38 8.01 30.77 -14.01
N LEU A 39 8.64 30.03 -13.09
CA LEU A 39 8.09 28.86 -12.33
C LEU A 39 7.39 27.85 -13.23
N GLN A 40 8.02 27.51 -14.35
CA GLN A 40 7.79 26.28 -15.16
C GLN A 40 8.78 25.22 -14.66
N TRP A 41 8.53 23.95 -14.96
CA TRP A 41 9.42 22.85 -14.50
C TRP A 41 10.67 22.83 -15.40
N ASN A 42 11.85 23.08 -14.84
CA ASN A 42 13.16 22.85 -15.52
C ASN A 42 13.45 21.34 -15.52
N SER A 43 13.43 20.75 -16.71
CA SER A 43 13.40 19.28 -16.95
C SER A 43 14.76 18.71 -17.41
N SER A 44 15.85 19.49 -17.40
CA SER A 44 17.16 19.09 -18.00
C SER A 44 17.84 18.03 -17.13
N ASN A 45 17.83 18.20 -15.80
CA ASN A 45 18.37 17.15 -14.87
C ASN A 45 17.65 15.82 -15.13
N ALA A 46 16.30 15.81 -15.11
CA ALA A 46 15.45 14.64 -15.39
C ALA A 46 15.78 14.08 -16.77
N GLN A 47 15.92 14.96 -17.77
CA GLN A 47 16.32 14.58 -19.15
C GLN A 47 17.64 13.76 -19.07
N LEU A 48 18.55 14.12 -18.16
CA LEU A 48 19.84 13.38 -17.99
C LEU A 48 19.53 11.97 -17.47
N LEU A 49 18.89 11.90 -16.29
CA LEU A 49 18.49 10.63 -15.63
C LEU A 49 17.72 9.77 -16.62
N LEU A 50 16.81 10.35 -17.42
CA LEU A 50 16.06 9.58 -18.45
C LEU A 50 17.06 8.93 -19.41
N ASP A 51 17.96 9.73 -20.02
CA ASP A 51 19.04 9.23 -20.91
C ASP A 51 19.75 8.07 -20.23
N TYR A 52 20.35 8.30 -19.05
CA TYR A 52 21.17 7.28 -18.39
C TYR A 52 20.39 5.96 -18.28
N CYS A 53 19.12 6.05 -17.87
CA CYS A 53 18.23 4.89 -17.57
C CYS A 53 17.97 4.12 -18.86
N SER A 54 17.59 4.81 -19.95
CA SER A 54 17.34 4.19 -21.28
C SER A 54 18.60 3.49 -21.80
N SER A 55 19.78 4.08 -21.64
CA SER A 55 21.08 3.48 -22.07
C SER A 55 21.19 2.10 -21.41
N LYS A 56 20.87 1.99 -20.12
CA LYS A 56 21.10 0.79 -19.27
C LYS A 56 20.01 -0.27 -19.46
N GLY A 57 18.98 0.03 -20.25
CA GLY A 57 17.87 -0.88 -20.56
C GLY A 57 16.87 -0.94 -19.41
N TYR A 58 16.78 0.12 -18.60
CA TYR A 58 15.98 0.13 -17.35
C TYR A 58 14.51 0.36 -17.68
N ASN A 59 13.66 -0.65 -17.45
CA ASN A 59 12.18 -0.52 -17.53
C ASN A 59 11.69 0.14 -16.23
N ILE A 60 11.21 1.38 -16.29
CA ILE A 60 10.91 2.22 -15.09
C ILE A 60 9.65 3.04 -15.36
N SER A 61 8.82 3.21 -14.34
CA SER A 61 7.63 4.09 -14.38
C SER A 61 7.97 5.39 -13.65
N TRP A 62 7.23 6.46 -13.90
CA TRP A 62 7.65 7.78 -13.38
C TRP A 62 6.54 8.47 -12.59
N GLU A 63 7.00 9.26 -11.62
CA GLU A 63 6.22 10.30 -10.89
C GLU A 63 7.07 11.57 -10.94
N LEU A 64 6.39 12.69 -10.72
CA LEU A 64 7.01 14.05 -10.69
C LEU A 64 6.41 14.79 -9.50
N GLY A 65 7.23 15.05 -8.51
CA GLY A 65 6.84 15.69 -7.25
C GLY A 65 6.23 14.71 -6.23
N ASN A 66 6.33 15.11 -4.95
CA ASN A 66 5.68 14.48 -3.78
C ASN A 66 5.05 15.58 -2.92
N GLU A 67 3.74 15.51 -2.74
CA GLU A 67 2.93 16.43 -1.90
C GLU A 67 3.18 17.86 -2.35
N PRO A 68 2.88 18.15 -3.63
CA PRO A 68 3.00 19.50 -4.16
C PRO A 68 2.21 20.50 -3.30
N ASN A 69 1.15 20.06 -2.63
CA ASN A 69 0.26 20.87 -1.75
C ASN A 69 1.05 21.57 -0.63
N SER A 70 2.26 21.11 -0.27
CA SER A 70 3.04 21.69 0.86
C SER A 70 4.45 22.15 0.40
N PHE A 71 4.61 22.48 -0.88
CA PHE A 71 5.84 23.06 -1.45
C PHE A 71 6.17 24.44 -0.84
N LEU A 72 5.15 25.22 -0.49
CA LEU A 72 5.29 26.56 0.15
C LEU A 72 5.94 26.41 1.53
N LYS A 73 5.39 25.52 2.35
CA LYS A 73 5.93 25.10 3.67
C LYS A 73 7.31 24.46 3.50
N LYS A 74 7.53 23.68 2.45
CA LYS A 74 8.73 22.82 2.32
C LYS A 74 9.86 23.61 1.66
N ALA A 75 9.56 24.67 0.90
CA ALA A 75 10.54 25.34 0.01
C ALA A 75 10.15 26.79 -0.32
N ASP A 76 9.14 27.36 0.33
CA ASP A 76 8.65 28.74 0.08
C ASP A 76 8.51 28.99 -1.42
N ILE A 77 8.13 27.96 -2.17
CA ILE A 77 7.65 28.02 -3.57
C ILE A 77 6.18 27.55 -3.59
N PHE A 78 5.29 28.33 -4.18
CA PHE A 78 3.92 27.86 -4.51
C PHE A 78 3.83 27.57 -6.01
N ILE A 79 3.42 26.35 -6.35
CA ILE A 79 3.01 25.88 -7.71
C ILE A 79 1.53 25.48 -7.60
N ASN A 80 0.67 25.93 -8.51
CA ASN A 80 -0.78 25.62 -8.47
C ASN A 80 -0.97 24.37 -9.32
N GLY A 81 -2.19 23.82 -9.32
CA GLY A 81 -2.50 22.58 -10.06
C GLY A 81 -2.30 22.71 -11.56
N SER A 82 -2.74 23.83 -12.14
CA SER A 82 -2.69 24.06 -13.62
C SER A 82 -1.26 23.92 -14.13
N GLN A 83 -0.33 24.65 -13.50
CA GLN A 83 1.12 24.64 -13.82
C GLN A 83 1.65 23.21 -13.72
N LEU A 84 1.32 22.53 -12.60
CA LEU A 84 1.79 21.15 -12.30
C LEU A 84 1.27 20.21 -13.39
N GLY A 85 0.00 20.34 -13.76
CA GLY A 85 -0.53 19.63 -14.94
C GLY A 85 0.30 19.89 -16.20
N GLU A 86 0.68 21.14 -16.44
CA GLU A 86 1.55 21.53 -17.60
C GLU A 86 2.91 20.84 -17.45
N ASP A 87 3.50 20.90 -16.26
CA ASP A 87 4.79 20.23 -15.94
C ASP A 87 4.71 18.73 -16.25
N PHE A 88 3.57 18.10 -16.01
CA PHE A 88 3.36 16.65 -16.27
C PHE A 88 3.25 16.38 -17.77
N ILE A 89 2.72 17.34 -18.55
CA ILE A 89 2.58 17.19 -20.03
C ILE A 89 4.01 17.27 -20.63
N GLN A 90 4.85 18.19 -20.13
CA GLN A 90 6.28 18.32 -20.51
C GLN A 90 6.97 16.96 -20.29
N LEU A 91 6.81 16.36 -19.11
CA LEU A 91 7.45 15.07 -18.75
C LEU A 91 6.94 14.00 -19.72
N HIS A 92 5.63 13.91 -19.95
CA HIS A 92 5.02 12.91 -20.86
C HIS A 92 5.74 13.00 -22.22
N LYS A 93 5.93 14.22 -22.73
CA LYS A 93 6.65 14.50 -24.01
C LYS A 93 8.05 13.84 -23.99
N LEU A 94 8.91 14.24 -23.05
CA LEU A 94 10.25 13.62 -22.84
C LEU A 94 10.16 12.08 -22.82
N LEU A 95 9.09 11.50 -22.31
CA LEU A 95 8.97 10.02 -22.18
C LEU A 95 8.64 9.41 -23.54
N ARG A 96 7.75 10.08 -24.28
CA ARG A 96 7.30 9.67 -25.65
C ARG A 96 8.53 9.67 -26.59
N LYS A 97 9.43 10.65 -26.42
CA LYS A 97 10.72 10.77 -27.16
C LYS A 97 11.86 10.06 -26.43
N SER A 98 11.59 8.96 -25.73
CA SER A 98 12.61 8.13 -25.04
C SER A 98 12.48 6.69 -25.55
N THR A 99 13.26 5.74 -25.01
CA THR A 99 13.40 4.34 -25.55
C THR A 99 12.34 3.41 -24.93
N PHE A 100 11.79 3.73 -23.77
CA PHE A 100 10.51 3.16 -23.26
C PHE A 100 9.48 4.31 -23.36
N LYS A 101 8.94 4.49 -24.56
CA LYS A 101 7.98 5.57 -24.93
C LYS A 101 6.60 5.21 -24.37
N ASN A 102 6.46 3.97 -23.89
CA ASN A 102 5.21 3.41 -23.30
C ASN A 102 5.36 3.33 -21.78
N ALA A 103 6.49 3.79 -21.23
CA ALA A 103 6.70 4.06 -19.79
C ALA A 103 5.45 4.73 -19.19
N LYS A 104 5.03 4.27 -18.01
CA LYS A 104 3.83 4.83 -17.32
C LYS A 104 4.23 6.07 -16.50
N LEU A 105 3.31 7.02 -16.40
CA LEU A 105 3.43 8.25 -15.59
C LEU A 105 2.27 8.31 -14.60
N TYR A 106 2.55 8.48 -13.31
CA TYR A 106 1.54 8.52 -12.22
C TYR A 106 1.68 9.84 -11.46
N GLY A 107 0.60 10.35 -10.86
CA GLY A 107 0.65 11.65 -10.15
C GLY A 107 -0.74 12.11 -9.74
N PRO A 108 -0.86 13.22 -8.98
CA PRO A 108 0.28 14.03 -8.54
C PRO A 108 0.80 13.86 -7.11
N ASP A 109 0.47 12.76 -6.45
CA ASP A 109 0.99 12.40 -5.11
C ASP A 109 0.66 13.53 -4.12
N VAL A 110 -0.58 14.00 -4.15
CA VAL A 110 -1.10 14.99 -3.16
C VAL A 110 -1.41 14.30 -1.83
N GLY A 111 -1.34 15.05 -0.73
CA GLY A 111 -1.82 14.65 0.60
C GLY A 111 -3.31 14.43 0.60
N GLN A 112 -3.85 14.02 1.74
CA GLN A 112 -5.29 13.69 1.88
C GLN A 112 -6.13 14.91 1.50
N PRO A 113 -7.35 14.68 0.97
CA PRO A 113 -8.12 15.74 0.31
C PRO A 113 -8.81 16.63 1.34
N ARG A 114 -8.05 17.61 1.82
CA ARG A 114 -8.54 18.79 2.57
C ARG A 114 -8.78 19.87 1.50
N ARG A 115 -9.62 20.88 1.78
CA ARG A 115 -10.12 21.85 0.76
C ARG A 115 -8.98 22.32 -0.16
N LYS A 116 -7.87 22.86 0.37
CA LYS A 116 -6.72 23.37 -0.44
C LYS A 116 -6.21 22.25 -1.38
N THR A 117 -6.04 21.02 -0.87
CA THR A 117 -5.53 19.87 -1.65
C THR A 117 -6.54 19.40 -2.72
N ALA A 118 -7.84 19.43 -2.42
CA ALA A 118 -8.94 19.11 -3.36
C ALA A 118 -8.87 20.04 -4.57
N LYS A 119 -8.81 21.35 -4.32
CA LYS A 119 -8.62 22.40 -5.36
C LYS A 119 -7.35 22.09 -6.18
N MET A 120 -6.24 21.80 -5.52
CA MET A 120 -4.98 21.53 -6.26
C MET A 120 -5.18 20.34 -7.21
N LEU A 121 -5.83 19.28 -6.75
CA LEU A 121 -5.94 17.99 -7.48
C LEU A 121 -6.90 18.12 -8.66
N LYS A 122 -7.99 18.86 -8.46
CA LYS A 122 -9.02 19.13 -9.49
C LYS A 122 -8.41 19.94 -10.64
N SER A 123 -7.68 21.02 -10.34
CA SER A 123 -6.98 21.85 -11.36
C SER A 123 -5.82 21.05 -11.96
N PHE A 124 -5.13 20.23 -11.18
CA PHE A 124 -4.08 19.36 -11.76
C PHE A 124 -4.75 18.45 -12.80
N LEU A 125 -5.92 17.88 -12.51
CA LEU A 125 -6.50 16.85 -13.43
C LEU A 125 -7.15 17.51 -14.66
N LYS A 126 -7.74 18.70 -14.53
CA LYS A 126 -8.26 19.49 -15.68
C LYS A 126 -7.11 19.56 -16.69
N ALA A 127 -5.99 20.14 -16.26
CA ALA A 127 -4.78 20.45 -17.06
C ALA A 127 -4.01 19.17 -17.48
N GLY A 128 -3.45 18.42 -16.54
CA GLY A 128 -2.53 17.30 -16.84
C GLY A 128 -3.19 15.93 -16.81
N GLY A 129 -4.49 15.87 -16.55
CA GLY A 129 -5.22 14.61 -16.35
C GLY A 129 -4.97 13.63 -17.48
N GLU A 130 -4.93 14.12 -18.71
CA GLU A 130 -4.89 13.26 -19.91
C GLU A 130 -3.62 12.41 -19.94
N VAL A 131 -2.52 12.83 -19.35
CA VAL A 131 -1.18 12.17 -19.58
C VAL A 131 -0.83 11.19 -18.45
N ILE A 132 -1.48 11.28 -17.28
CA ILE A 132 -1.21 10.34 -16.15
C ILE A 132 -1.98 9.03 -16.42
N ASP A 133 -1.39 7.90 -16.04
CA ASP A 133 -2.00 6.57 -16.14
C ASP A 133 -2.78 6.23 -14.86
N SER A 134 -2.46 6.91 -13.74
CA SER A 134 -3.19 6.74 -12.45
C SER A 134 -3.14 8.05 -11.68
N VAL A 135 -4.19 8.33 -10.91
CA VAL A 135 -4.17 9.44 -9.93
C VAL A 135 -3.63 8.88 -8.61
N THR A 136 -2.50 9.40 -8.14
CA THR A 136 -1.92 9.07 -6.82
C THR A 136 -2.29 10.16 -5.79
N TRP A 137 -2.71 9.72 -4.62
CA TRP A 137 -2.88 10.59 -3.44
C TRP A 137 -2.38 9.80 -2.23
N HIS A 138 -2.20 10.50 -1.11
CA HIS A 138 -1.60 9.92 0.10
C HIS A 138 -2.61 9.99 1.25
N HIS A 139 -2.58 8.98 2.11
CA HIS A 139 -3.40 8.99 3.34
C HIS A 139 -2.59 8.56 4.56
N TYR A 140 -2.80 9.26 5.66
CA TYR A 140 -2.34 8.85 7.01
C TYR A 140 -3.49 9.02 7.98
N TYR A 141 -3.72 8.05 8.85
CA TYR A 141 -4.70 8.18 9.95
C TYR A 141 -4.26 9.22 11.00
N LEU A 142 -3.01 9.22 11.46
CA LEU A 142 -2.64 9.95 12.72
C LEU A 142 -1.33 10.68 12.51
N ASN A 143 -1.02 11.57 13.44
CA ASN A 143 0.29 12.24 13.59
C ASN A 143 1.14 11.31 14.45
N GLY A 144 2.27 10.81 13.91
CA GLY A 144 3.14 9.87 14.64
C GLY A 144 3.54 10.41 16.01
N ARG A 145 3.67 11.73 16.17
CA ARG A 145 4.12 12.38 17.42
C ARG A 145 3.04 12.28 18.49
N THR A 146 1.75 12.29 18.14
CA THR A 146 0.65 12.37 19.16
C THR A 146 -0.17 11.08 19.21
N ALA A 147 -0.05 10.22 18.21
CA ALA A 147 -0.90 9.03 18.11
C ALA A 147 -0.79 8.25 19.43
N THR A 148 -1.89 7.65 19.90
CA THR A 148 -1.91 6.77 21.09
C THR A 148 -2.36 5.38 20.68
N ARG A 149 -2.19 4.43 21.59
CA ARG A 149 -2.56 3.01 21.37
C ARG A 149 -4.07 2.92 21.22
N GLU A 150 -4.79 3.83 21.89
CA GLU A 150 -6.27 3.89 21.84
C GLU A 150 -6.71 4.27 20.41
N ASP A 151 -6.03 5.23 19.80
CA ASP A 151 -6.30 5.69 18.42
C ASP A 151 -6.16 4.50 17.46
N PHE A 152 -5.15 3.63 17.68
CA PHE A 152 -4.85 2.51 16.74
C PHE A 152 -5.98 1.50 16.80
N LEU A 153 -6.72 1.46 17.91
CA LEU A 153 -7.80 0.46 18.18
C LEU A 153 -9.19 1.07 17.96
N ASN A 154 -9.28 2.35 17.62
CA ASN A 154 -10.55 3.11 17.57
C ASN A 154 -11.23 3.00 16.18
N PRO A 155 -12.40 2.35 16.07
CA PRO A 155 -13.12 2.34 14.80
C PRO A 155 -13.58 3.74 14.32
N ASP A 156 -13.77 4.72 15.19
CA ASP A 156 -14.04 6.11 14.72
C ASP A 156 -12.82 6.60 13.93
N VAL A 157 -11.60 6.22 14.34
CA VAL A 157 -10.37 6.58 13.59
C VAL A 157 -10.38 5.81 12.25
N LEU A 158 -10.59 4.50 12.24
CA LEU A 158 -10.64 3.74 10.96
C LEU A 158 -11.63 4.39 9.97
N ASP A 159 -12.82 4.77 10.46
CA ASP A 159 -13.95 5.23 9.61
C ASP A 159 -13.59 6.50 8.84
N ILE A 160 -12.71 7.36 9.35
CA ILE A 160 -12.40 8.65 8.68
C ILE A 160 -11.91 8.36 7.25
N PHE A 161 -11.21 7.25 7.01
CA PHE A 161 -10.60 6.92 5.70
C PHE A 161 -11.70 6.91 4.60
N ILE A 162 -12.93 6.57 4.96
CA ILE A 162 -14.05 6.39 3.98
C ILE A 162 -14.34 7.73 3.32
N SER A 163 -14.61 8.73 4.13
CA SER A 163 -14.77 10.15 3.75
C SER A 163 -13.64 10.63 2.81
N SER A 164 -12.39 10.46 3.22
CA SER A 164 -11.21 10.83 2.40
C SER A 164 -11.38 10.19 1.02
N VAL A 165 -11.68 8.90 0.98
CA VAL A 165 -11.75 8.16 -0.32
C VAL A 165 -12.85 8.84 -1.16
N GLN A 166 -14.00 9.17 -0.57
CA GLN A 166 -15.19 9.69 -1.29
C GLN A 166 -14.85 11.05 -1.85
N LYS A 167 -14.04 11.82 -1.12
CA LYS A 167 -13.67 13.18 -1.57
C LYS A 167 -12.77 13.05 -2.78
N VAL A 168 -11.81 12.15 -2.75
CA VAL A 168 -10.91 11.93 -3.91
C VAL A 168 -11.77 11.54 -5.11
N PHE A 169 -12.62 10.53 -4.98
CA PHE A 169 -13.48 10.07 -6.09
C PHE A 169 -14.40 11.21 -6.56
N GLN A 170 -14.76 12.15 -5.70
CA GLN A 170 -15.60 13.31 -6.16
C GLN A 170 -14.79 14.16 -7.13
N VAL A 171 -13.53 14.45 -6.78
CA VAL A 171 -12.67 15.30 -7.65
C VAL A 171 -12.47 14.56 -8.98
N VAL A 172 -12.14 13.27 -8.95
CA VAL A 172 -11.76 12.48 -10.16
C VAL A 172 -12.97 12.31 -11.09
N GLU A 173 -14.13 11.87 -10.60
CA GLU A 173 -15.37 11.67 -11.43
C GLU A 173 -15.74 12.99 -12.18
N SER A 174 -15.38 14.17 -11.67
CA SER A 174 -15.76 15.50 -12.20
C SER A 174 -14.69 16.06 -13.16
N THR A 175 -13.58 15.35 -13.41
CA THR A 175 -12.46 15.87 -14.24
C THR A 175 -11.95 14.77 -15.15
N ARG A 176 -11.88 13.52 -14.67
CA ARG A 176 -11.40 12.37 -15.46
C ARG A 176 -12.15 11.10 -15.07
N PRO A 177 -13.46 10.99 -15.39
CA PRO A 177 -14.20 9.80 -14.99
C PRO A 177 -13.45 8.59 -15.56
N GLY A 178 -13.26 7.54 -14.74
CA GLY A 178 -12.76 6.22 -15.17
C GLY A 178 -11.26 6.07 -14.96
N LYS A 179 -10.56 7.17 -14.71
CA LYS A 179 -9.11 7.08 -14.43
C LYS A 179 -8.92 6.27 -13.15
N LYS A 180 -7.96 5.33 -13.14
CA LYS A 180 -7.55 4.57 -11.94
C LYS A 180 -7.03 5.51 -10.84
N VAL A 181 -7.34 5.16 -9.60
CA VAL A 181 -6.98 5.90 -8.37
C VAL A 181 -6.15 4.94 -7.50
N TRP A 182 -4.96 5.41 -7.15
CA TRP A 182 -3.94 4.68 -6.37
C TRP A 182 -3.66 5.43 -5.08
N LEU A 183 -3.44 4.71 -3.97
CA LEU A 183 -2.75 5.35 -2.83
C LEU A 183 -1.25 5.24 -3.10
N GLY A 184 -0.62 6.39 -3.30
CA GLY A 184 0.79 6.49 -3.72
C GLY A 184 1.76 6.50 -2.56
N GLU A 185 1.29 6.82 -1.35
CA GLU A 185 2.04 6.74 -0.06
C GLU A 185 1.02 6.71 1.07
N THR A 186 0.97 5.63 1.88
CA THR A 186 -0.03 5.44 2.96
C THR A 186 0.56 4.70 4.16
N SER A 187 0.09 5.06 5.35
N SER A 187 0.18 5.11 5.37
CA SER A 187 0.58 4.54 6.66
CA SER A 187 0.62 4.50 6.66
C SER A 187 -0.39 4.87 7.79
C SER A 187 -0.33 4.89 7.80
N SER A 188 -0.24 4.12 8.91
CA SER A 188 -0.89 4.39 10.21
C SER A 188 -0.74 5.87 10.54
N ALA A 189 0.49 6.37 10.48
CA ALA A 189 0.85 7.68 11.06
C ALA A 189 2.04 8.32 10.33
N TYR A 190 1.90 9.63 10.04
CA TYR A 190 2.95 10.44 9.37
C TYR A 190 4.00 10.83 10.43
N GLY A 191 5.02 11.58 10.04
CA GLY A 191 6.18 11.91 10.90
C GLY A 191 7.03 10.66 11.17
N GLY A 192 7.02 9.64 10.29
CA GLY A 192 7.82 8.41 10.44
C GLY A 192 7.15 7.32 11.26
N GLY A 193 5.88 7.48 11.61
CA GLY A 193 5.13 6.47 12.37
C GLY A 193 5.12 6.78 13.84
N ALA A 194 4.43 5.97 14.62
CA ALA A 194 4.25 6.16 16.08
C ALA A 194 5.14 5.15 16.79
N PRO A 195 6.11 5.63 17.59
CA PRO A 195 7.04 4.73 18.28
C PRO A 195 6.22 3.74 19.11
N LEU A 196 6.59 2.45 19.03
CA LEU A 196 6.05 1.31 19.83
C LEU A 196 4.63 0.92 19.39
N LEU A 197 4.13 1.51 18.30
CA LEU A 197 2.74 1.28 17.79
C LEU A 197 2.78 0.91 16.30
N SER A 198 3.42 1.72 15.45
CA SER A 198 3.40 1.55 13.98
C SER A 198 4.14 0.26 13.57
N ASP A 199 4.93 -0.31 14.48
CA ASP A 199 5.80 -1.49 14.16
C ASP A 199 5.26 -2.71 14.88
N THR A 200 4.07 -2.63 15.47
CA THR A 200 3.55 -3.71 16.35
C THR A 200 2.34 -4.37 15.72
N PHE A 201 1.86 -5.45 16.33
CA PHE A 201 0.63 -6.19 15.96
C PHE A 201 -0.55 -5.18 15.93
N ALA A 202 -0.49 -4.10 16.73
CA ALA A 202 -1.57 -3.12 16.89
C ALA A 202 -1.75 -2.36 15.57
N ALA A 203 -0.67 -2.21 14.81
CA ALA A 203 -0.62 -1.53 13.49
C ALA A 203 -1.51 -2.26 12.46
N GLY A 204 -1.81 -3.54 12.67
CA GLY A 204 -2.44 -4.44 11.68
C GLY A 204 -3.94 -4.15 11.52
N PHE A 205 -4.59 -3.65 12.57
CA PHE A 205 -6.01 -3.19 12.51
C PHE A 205 -6.13 -2.13 11.40
N MET A 206 -5.32 -1.08 11.47
CA MET A 206 -5.39 0.01 10.47
C MET A 206 -5.00 -0.52 9.08
N TRP A 207 -3.94 -1.31 8.99
CA TRP A 207 -3.41 -1.77 7.68
C TRP A 207 -4.46 -2.68 7.03
N LEU A 208 -4.92 -3.71 7.74
CA LEU A 208 -5.87 -4.64 7.09
C LEU A 208 -7.16 -3.86 6.71
N ASP A 209 -7.61 -2.94 7.57
CA ASP A 209 -8.84 -2.17 7.31
C ASP A 209 -8.66 -1.27 6.09
N LYS A 210 -7.51 -0.61 6.01
CA LYS A 210 -7.17 0.23 4.86
C LYS A 210 -7.28 -0.56 3.55
N LEU A 211 -6.75 -1.77 3.53
CA LEU A 211 -6.71 -2.66 2.37
C LEU A 211 -8.14 -3.05 2.01
N GLY A 212 -8.91 -3.48 3.01
CA GLY A 212 -10.29 -3.93 2.81
C GLY A 212 -11.13 -2.84 2.22
N LEU A 213 -11.02 -1.63 2.76
CA LEU A 213 -11.85 -0.47 2.33
C LEU A 213 -11.34 0.06 0.98
N SER A 214 -10.03 0.04 0.77
CA SER A 214 -9.42 0.50 -0.50
C SER A 214 -10.04 -0.37 -1.60
N ALA A 215 -10.02 -1.68 -1.40
CA ALA A 215 -10.44 -2.62 -2.46
C ALA A 215 -11.91 -2.36 -2.73
N ARG A 216 -12.70 -2.28 -1.65
CA ARG A 216 -14.17 -2.21 -1.69
C ARG A 216 -14.61 -0.93 -2.43
N MET A 217 -13.88 0.16 -2.20
CA MET A 217 -14.28 1.51 -2.67
C MET A 217 -13.65 1.88 -4.02
N GLY A 218 -12.80 1.01 -4.58
CA GLY A 218 -12.36 1.19 -5.98
C GLY A 218 -10.95 1.69 -6.12
N ILE A 219 -10.17 1.70 -5.03
CA ILE A 219 -8.71 1.99 -5.13
C ILE A 219 -8.04 0.73 -5.70
N GLU A 220 -7.23 0.89 -6.73
CA GLU A 220 -6.65 -0.23 -7.53
C GLU A 220 -5.30 -0.65 -6.96
N VAL A 221 -4.57 0.26 -6.32
CA VAL A 221 -3.20 -0.02 -5.82
C VAL A 221 -3.00 0.75 -4.52
N VAL A 222 -2.52 0.09 -3.47
CA VAL A 222 -2.14 0.75 -2.18
C VAL A 222 -0.61 0.66 -1.98
N MET A 223 0.08 1.81 -1.88
CA MET A 223 1.55 1.85 -1.64
C MET A 223 1.88 2.17 -0.16
N ARG A 224 2.34 1.13 0.55
CA ARG A 224 2.71 1.12 1.99
C ARG A 224 4.05 1.83 2.24
N GLN A 225 3.97 3.02 2.86
CA GLN A 225 5.07 3.68 3.60
C GLN A 225 5.40 2.84 4.85
N VAL A 226 6.61 2.25 4.98
CA VAL A 226 7.58 1.91 3.96
C VAL A 226 7.90 0.39 4.05
N PHE A 227 8.41 -0.22 2.98
CA PHE A 227 8.93 -1.61 3.03
C PHE A 227 10.08 -1.69 4.06
N PHE A 228 11.00 -0.73 4.02
CA PHE A 228 12.22 -0.65 4.88
C PHE A 228 12.65 0.81 5.04
N GLY A 229 13.12 1.20 6.22
CA GLY A 229 13.59 2.58 6.51
C GLY A 229 13.61 2.91 7.99
N ALA A 230 14.04 4.13 8.32
CA ALA A 230 14.16 4.62 9.72
C ALA A 230 12.79 4.64 10.41
N GLY A 231 11.72 4.83 9.62
CA GLY A 231 10.31 4.93 10.07
C GLY A 231 9.78 3.66 10.75
N ASN A 232 9.23 3.88 11.95
CA ASN A 232 8.51 2.94 12.84
C ASN A 232 7.45 2.16 12.03
N TYR A 233 6.98 2.71 10.89
CA TYR A 233 5.95 2.07 10.03
C TYR A 233 6.57 1.12 9.01
N HIS A 234 7.88 0.83 9.11
CA HIS A 234 8.57 -0.14 8.22
C HIS A 234 7.90 -1.52 8.39
N LEU A 235 7.71 -2.25 7.29
CA LEU A 235 7.31 -3.69 7.33
C LEU A 235 8.47 -4.52 7.86
N VAL A 236 9.69 -4.05 7.61
CA VAL A 236 10.94 -4.77 8.02
C VAL A 236 11.78 -3.83 8.88
N ASP A 237 12.27 -4.32 10.03
CA ASP A 237 13.00 -3.50 11.03
C ASP A 237 14.47 -3.33 10.62
N GLU A 238 15.27 -2.70 11.49
CA GLU A 238 16.68 -2.31 11.22
C GLU A 238 17.55 -3.55 10.95
N ASN A 239 17.26 -4.68 11.58
CA ASN A 239 18.04 -5.94 11.42
C ASN A 239 17.48 -6.79 10.27
N PHE A 240 16.76 -6.20 9.32
CA PHE A 240 16.04 -6.90 8.22
C PHE A 240 15.16 -8.05 8.72
N ASP A 241 14.59 -7.93 9.94
CA ASP A 241 13.58 -8.87 10.48
C ASP A 241 12.18 -8.33 10.20
N PRO A 242 11.26 -9.18 9.74
CA PRO A 242 9.89 -8.76 9.44
C PRO A 242 9.01 -8.49 10.69
N LEU A 243 8.29 -7.37 10.67
CA LEU A 243 7.37 -7.00 11.77
C LEU A 243 5.98 -7.55 11.47
N PRO A 244 5.02 -7.51 12.42
CA PRO A 244 3.73 -8.15 12.21
C PRO A 244 3.04 -7.70 10.89
N ASP A 245 3.25 -6.48 10.42
CA ASP A 245 2.60 -6.00 9.16
C ASP A 245 3.22 -6.68 7.93
N TYR A 246 4.51 -7.02 7.97
CA TYR A 246 5.09 -7.80 6.84
C TYR A 246 4.28 -9.10 6.64
N TRP A 247 4.05 -9.82 7.74
CA TRP A 247 3.40 -11.15 7.79
C TRP A 247 1.93 -10.99 7.37
N LEU A 248 1.24 -10.01 7.93
CA LEU A 248 -0.15 -9.65 7.51
C LEU A 248 -0.15 -9.48 5.99
N SER A 249 0.79 -8.69 5.50
CA SER A 249 0.91 -8.38 4.07
C SER A 249 1.14 -9.69 3.30
N LEU A 250 2.00 -10.59 3.80
CA LEU A 250 2.34 -11.82 3.04
C LEU A 250 1.09 -12.69 3.01
N LEU A 251 0.43 -12.87 4.17
CA LEU A 251 -0.84 -13.64 4.26
C LEU A 251 -1.87 -13.11 3.25
N PHE A 252 -2.04 -11.79 3.15
CA PHE A 252 -3.09 -11.10 2.34
C PHE A 252 -2.80 -11.46 0.89
N LYS A 253 -1.52 -11.39 0.59
CA LYS A 253 -0.97 -11.55 -0.77
C LYS A 253 -1.24 -12.99 -1.21
N LYS A 254 -1.14 -13.99 -0.31
CA LYS A 254 -1.27 -15.42 -0.69
C LYS A 254 -2.75 -15.79 -0.80
N LEU A 255 -3.62 -15.11 -0.06
CA LEU A 255 -5.03 -15.57 0.08
C LEU A 255 -6.03 -14.73 -0.72
N VAL A 256 -5.82 -13.41 -0.86
CA VAL A 256 -6.86 -12.49 -1.39
C VAL A 256 -6.73 -12.29 -2.91
N GLY A 257 -7.83 -12.53 -3.64
CA GLY A 257 -7.86 -12.37 -5.12
C GLY A 257 -8.05 -10.92 -5.52
N THR A 258 -8.08 -10.65 -6.82
CA THR A 258 -8.18 -9.29 -7.41
C THR A 258 -9.65 -8.94 -7.59
N LYS A 259 -10.52 -9.94 -7.54
CA LYS A 259 -11.97 -9.73 -7.71
C LYS A 259 -12.54 -9.39 -6.33
N VAL A 260 -13.04 -8.17 -6.18
CA VAL A 260 -13.58 -7.65 -4.92
C VAL A 260 -15.09 -7.92 -4.88
N LEU A 261 -15.57 -8.49 -3.76
CA LEU A 261 -16.99 -8.77 -3.46
C LEU A 261 -17.38 -7.90 -2.24
N MET A 262 -18.42 -8.24 -1.49
CA MET A 262 -18.87 -7.46 -0.31
C MET A 262 -19.30 -8.42 0.78
N ALA A 263 -19.00 -8.09 2.04
CA ALA A 263 -19.58 -8.75 3.24
C ALA A 263 -20.06 -7.69 4.21
N SER A 264 -21.06 -8.00 5.01
CA SER A 264 -21.58 -7.03 6.01
C SER A 264 -22.23 -7.79 7.16
N VAL A 265 -22.27 -7.18 8.34
CA VAL A 265 -22.88 -7.82 9.54
C VAL A 265 -24.34 -7.42 9.63
N GLN A 266 -25.24 -8.38 9.87
CA GLN A 266 -26.67 -8.12 10.19
C GLN A 266 -26.69 -7.34 11.50
N GLY A 267 -27.11 -6.07 11.48
CA GLY A 267 -27.35 -5.27 12.69
C GLY A 267 -26.81 -3.85 12.58
N SER A 268 -27.11 -3.04 13.60
CA SER A 268 -26.84 -1.57 13.69
C SER A 268 -25.45 -1.29 14.26
N LYS A 269 -25.02 -2.03 15.29
CA LYS A 269 -23.58 -2.21 15.61
C LYS A 269 -22.99 -2.98 14.42
N ARG A 270 -22.22 -2.28 13.58
CA ARG A 270 -21.43 -2.87 12.48
C ARG A 270 -20.12 -2.06 12.37
N ARG A 271 -19.60 -1.55 13.50
CA ARG A 271 -18.44 -0.63 13.57
C ARG A 271 -17.18 -1.35 14.08
N LYS A 272 -17.31 -2.28 15.02
CA LYS A 272 -16.18 -2.89 15.74
C LYS A 272 -15.82 -4.23 15.08
N LEU A 273 -16.79 -4.86 14.44
CA LEU A 273 -16.58 -6.11 13.66
C LEU A 273 -16.57 -5.70 12.17
N ARG A 274 -15.41 -5.75 11.52
CA ARG A 274 -15.22 -5.24 10.14
C ARG A 274 -14.90 -6.42 9.22
N VAL A 275 -15.66 -6.58 8.14
CA VAL A 275 -15.60 -7.76 7.22
C VAL A 275 -15.46 -7.32 5.74
N TYR A 276 -14.68 -8.09 4.98
CA TYR A 276 -14.25 -7.89 3.57
C TYR A 276 -14.29 -9.25 2.88
N LEU A 277 -14.66 -9.23 1.61
CA LEU A 277 -14.84 -10.46 0.82
C LEU A 277 -14.32 -10.24 -0.60
N HIS A 278 -13.38 -11.09 -1.00
CA HIS A 278 -12.81 -11.18 -2.35
C HIS A 278 -12.92 -12.64 -2.83
N CYS A 279 -12.77 -12.87 -4.13
CA CYS A 279 -12.49 -14.22 -4.67
C CYS A 279 -11.14 -14.67 -4.10
N THR A 280 -10.97 -15.95 -3.76
CA THR A 280 -9.65 -16.47 -3.34
C THR A 280 -8.66 -16.26 -4.50
N ASN A 281 -7.43 -15.85 -4.16
CA ASN A 281 -6.21 -15.86 -5.03
C ASN A 281 -6.05 -17.27 -5.64
N THR A 282 -6.18 -17.38 -6.96
CA THR A 282 -6.27 -18.70 -7.66
C THR A 282 -4.87 -19.32 -7.74
N ASP A 283 -3.84 -18.51 -8.05
CA ASP A 283 -2.40 -18.87 -7.92
C ASP A 283 -2.11 -19.57 -6.59
N ASN A 284 -2.98 -19.49 -5.59
CA ASN A 284 -2.80 -20.26 -4.34
C ASN A 284 -3.01 -21.72 -4.69
N PRO A 285 -1.94 -22.55 -4.62
CA PRO A 285 -1.99 -23.93 -5.12
C PRO A 285 -3.07 -24.75 -4.42
N ARG A 286 -3.37 -24.46 -3.15
CA ARG A 286 -4.30 -25.26 -2.33
C ARG A 286 -5.77 -24.99 -2.72
N TYR A 287 -6.10 -23.88 -3.36
CA TYR A 287 -7.51 -23.46 -3.56
C TYR A 287 -7.89 -23.56 -5.04
N LYS A 288 -9.17 -23.51 -5.33
CA LYS A 288 -9.64 -23.68 -6.72
C LYS A 288 -10.57 -22.53 -7.08
N GLU A 289 -10.75 -22.33 -8.38
CA GLU A 289 -11.74 -21.37 -8.96
C GLU A 289 -13.06 -21.50 -8.20
N GLY A 290 -13.67 -20.36 -7.89
CA GLY A 290 -14.96 -20.26 -7.18
C GLY A 290 -14.82 -20.09 -5.67
N ASP A 291 -13.68 -20.41 -5.09
CA ASP A 291 -13.46 -20.22 -3.63
C ASP A 291 -13.47 -18.73 -3.27
N LEU A 292 -13.91 -18.44 -2.04
CA LEU A 292 -14.00 -17.06 -1.46
C LEU A 292 -12.90 -16.86 -0.42
N THR A 293 -12.31 -15.68 -0.35
CA THR A 293 -11.53 -15.31 0.86
C THR A 293 -12.33 -14.24 1.64
N LEU A 294 -12.78 -14.57 2.84
CA LEU A 294 -13.32 -13.61 3.86
C LEU A 294 -12.15 -13.15 4.75
N TYR A 295 -12.05 -11.88 5.10
CA TYR A 295 -11.14 -11.39 6.17
C TYR A 295 -11.92 -10.48 7.10
N ALA A 296 -11.52 -10.48 8.36
CA ALA A 296 -12.34 -9.91 9.44
C ALA A 296 -11.43 -9.37 10.55
N ILE A 297 -11.83 -8.21 11.07
CA ILE A 297 -11.15 -7.49 12.16
C ILE A 297 -12.16 -7.41 13.29
N ASN A 298 -11.77 -7.88 14.48
CA ASN A 298 -12.56 -7.80 15.74
C ASN A 298 -11.91 -6.78 16.69
N LEU A 299 -12.50 -5.60 16.81
CA LEU A 299 -12.08 -4.57 17.80
C LEU A 299 -12.99 -4.61 19.02
N HIS A 300 -13.88 -5.59 19.11
CA HIS A 300 -14.56 -5.89 20.42
C HIS A 300 -13.54 -6.42 21.40
N ASN A 301 -13.87 -6.38 22.69
CA ASN A 301 -13.00 -6.91 23.76
C ASN A 301 -13.47 -8.30 24.17
N VAL A 302 -14.17 -9.04 23.31
CA VAL A 302 -14.57 -10.46 23.54
C VAL A 302 -14.54 -11.13 22.17
N THR A 303 -14.43 -12.45 22.14
CA THR A 303 -14.53 -13.31 20.94
C THR A 303 -15.88 -13.06 20.26
N LYS A 304 -15.91 -13.01 18.93
CA LYS A 304 -17.17 -13.06 18.16
C LYS A 304 -17.12 -14.30 17.26
N TYR A 305 -18.30 -14.82 16.94
CA TYR A 305 -18.55 -16.09 16.24
C TYR A 305 -19.38 -15.71 15.02
N LEU A 306 -18.78 -15.81 13.85
CA LEU A 306 -19.37 -15.36 12.57
C LEU A 306 -20.02 -16.57 11.90
N ARG A 307 -21.25 -16.39 11.44
CA ARG A 307 -22.00 -17.43 10.73
C ARG A 307 -22.11 -17.03 9.26
N LEU A 308 -21.58 -17.89 8.39
CA LEU A 308 -21.64 -17.78 6.92
C LEU A 308 -23.10 -17.93 6.49
N PRO A 309 -23.56 -17.16 5.47
CA PRO A 309 -24.93 -17.29 4.99
C PRO A 309 -25.07 -18.44 3.99
N TYR A 310 -26.31 -18.88 3.75
CA TYR A 310 -26.63 -19.80 2.63
C TYR A 310 -25.98 -19.21 1.37
N PRO A 311 -25.42 -19.99 0.43
CA PRO A 311 -25.24 -21.44 0.53
C PRO A 311 -23.87 -21.93 0.99
N PHE A 312 -23.24 -21.20 1.93
CA PHE A 312 -21.82 -21.37 2.32
C PHE A 312 -21.72 -21.90 3.76
N SER A 313 -22.87 -22.24 4.36
CA SER A 313 -23.05 -22.51 5.81
C SER A 313 -22.39 -23.83 6.22
N ASN A 314 -22.17 -24.75 5.29
CA ASN A 314 -21.66 -26.12 5.61
C ASN A 314 -20.40 -26.40 4.79
N LYS A 315 -19.77 -25.37 4.24
CA LYS A 315 -18.54 -25.50 3.43
C LYS A 315 -17.32 -25.71 4.31
N GLN A 316 -16.31 -26.38 3.78
CA GLN A 316 -14.99 -26.50 4.46
C GLN A 316 -14.35 -25.09 4.46
N VAL A 317 -13.90 -24.65 5.63
CA VAL A 317 -13.22 -23.33 5.84
C VAL A 317 -11.84 -23.53 6.46
N ASP A 318 -10.80 -22.96 5.83
CA ASP A 318 -9.46 -22.77 6.41
C ASP A 318 -9.40 -21.43 7.13
N LYS A 319 -9.03 -21.44 8.41
CA LYS A 319 -8.75 -20.24 9.23
C LYS A 319 -7.26 -19.88 9.14
N TYR A 320 -6.97 -18.58 9.03
CA TYR A 320 -5.62 -17.99 9.14
C TYR A 320 -5.71 -16.81 10.11
N LEU A 321 -5.71 -17.15 11.40
CA LEU A 321 -5.89 -16.18 12.51
C LEU A 321 -4.50 -15.68 12.97
N LEU A 322 -4.34 -14.37 13.02
CA LEU A 322 -3.11 -13.73 13.55
C LEU A 322 -3.35 -13.17 14.96
N ARG A 323 -2.33 -13.34 15.79
CA ARG A 323 -2.39 -13.14 17.26
C ARG A 323 -0.97 -12.81 17.71
N PRO A 324 -0.78 -11.83 18.62
CA PRO A 324 0.58 -11.44 18.99
C PRO A 324 1.27 -12.52 19.83
N LEU A 325 2.58 -12.68 19.70
CA LEU A 325 3.37 -13.53 20.63
C LEU A 325 3.71 -12.71 21.86
N GLY A 326 3.40 -13.20 23.07
CA GLY A 326 3.49 -12.43 24.33
C GLY A 326 4.96 -12.13 24.60
N PRO A 327 5.34 -11.36 25.62
CA PRO A 327 4.42 -10.90 26.65
C PRO A 327 3.73 -9.55 26.44
N HIS A 328 3.99 -8.89 25.31
CA HIS A 328 3.64 -7.47 25.07
C HIS A 328 2.30 -7.31 24.33
N GLY A 329 1.52 -8.37 24.18
CA GLY A 329 0.13 -8.26 23.71
C GLY A 329 0.12 -7.51 22.40
N LEU A 330 -0.76 -6.51 22.28
CA LEU A 330 -0.95 -5.81 20.97
C LEU A 330 0.30 -4.99 20.65
N LEU A 331 1.15 -4.68 21.65
CA LEU A 331 2.41 -3.93 21.43
C LEU A 331 3.54 -4.91 21.03
N SER A 332 3.25 -6.19 20.82
CA SER A 332 4.31 -7.16 20.42
C SER A 332 4.81 -6.90 19.00
N LYS A 333 6.11 -7.16 18.77
CA LYS A 333 6.73 -7.13 17.43
C LYS A 333 6.78 -8.54 16.83
N SER A 334 6.16 -9.54 17.47
CA SER A 334 6.12 -10.93 16.97
C SER A 334 4.67 -11.43 16.89
N VAL A 335 4.36 -12.22 15.86
CA VAL A 335 2.96 -12.63 15.61
C VAL A 335 2.93 -14.14 15.43
N GLN A 336 1.80 -14.78 15.79
CA GLN A 336 1.55 -16.22 15.57
C GLN A 336 0.42 -16.42 14.56
N LEU A 337 0.61 -17.35 13.62
CA LEU A 337 -0.46 -17.81 12.70
C LEU A 337 -1.05 -19.13 13.22
N ASN A 338 -2.30 -19.11 13.70
CA ASN A 338 -3.02 -20.30 14.28
C ASN A 338 -2.16 -20.90 15.40
N GLY A 339 -1.63 -20.07 16.31
CA GLY A 339 -0.77 -20.50 17.42
C GLY A 339 0.69 -20.82 17.04
N LEU A 340 1.10 -20.71 15.78
CA LEU A 340 2.51 -20.96 15.34
C LEU A 340 3.20 -19.63 15.06
N THR A 341 4.29 -19.32 15.78
CA THR A 341 5.08 -18.07 15.60
C THR A 341 5.61 -17.98 14.15
N LEU A 342 5.50 -16.82 13.50
CA LEU A 342 6.01 -16.61 12.12
C LEU A 342 7.43 -16.09 12.22
N LYS A 343 8.36 -16.84 11.64
CA LYS A 343 9.81 -16.50 11.56
C LYS A 343 10.33 -17.03 10.22
N MET A 344 11.22 -16.27 9.58
CA MET A 344 11.96 -16.80 8.42
C MET A 344 12.59 -18.15 8.82
N VAL A 345 12.60 -19.12 7.91
CA VAL A 345 13.32 -20.39 8.15
C VAL A 345 14.83 -20.12 8.14
N ASP A 346 15.32 -19.36 7.15
CA ASP A 346 16.70 -18.80 7.07
C ASP A 346 16.63 -17.57 6.17
N ASP A 347 17.74 -16.88 5.97
CA ASP A 347 17.83 -15.60 5.22
C ASP A 347 17.20 -15.73 3.82
N GLN A 348 17.05 -16.96 3.33
CA GLN A 348 16.64 -17.27 1.94
C GLN A 348 15.21 -17.85 1.90
N THR A 349 14.60 -18.16 3.06
CA THR A 349 13.43 -19.07 3.14
C THR A 349 12.33 -18.51 4.06
N LEU A 350 11.22 -18.08 3.45
CA LEU A 350 9.94 -17.78 4.13
C LEU A 350 9.32 -19.10 4.57
N PRO A 351 8.68 -19.19 5.75
CA PRO A 351 8.09 -20.45 6.20
C PRO A 351 6.83 -20.74 5.40
N PRO A 352 6.22 -21.93 5.57
CA PRO A 352 4.87 -22.16 5.05
C PRO A 352 3.90 -21.29 5.89
N LEU A 353 2.72 -20.99 5.33
CA LEU A 353 1.62 -20.31 6.04
C LEU A 353 0.49 -21.32 6.19
N MET A 354 0.39 -21.96 7.34
CA MET A 354 -0.40 -23.20 7.50
C MET A 354 -1.84 -22.85 7.91
N GLU A 355 -2.79 -23.39 7.15
CA GLU A 355 -4.23 -23.29 7.45
C GLU A 355 -4.53 -24.08 8.71
N LYS A 356 -5.68 -23.82 9.32
CA LYS A 356 -6.30 -24.68 10.36
C LYS A 356 -7.69 -24.98 9.85
N PRO A 357 -7.90 -26.14 9.22
CA PRO A 357 -9.23 -26.49 8.71
C PRO A 357 -10.15 -26.49 9.92
N LEU A 358 -11.31 -25.84 9.78
CA LEU A 358 -12.39 -25.82 10.80
C LEU A 358 -13.39 -26.93 10.50
N ARG A 359 -14.11 -27.38 11.52
CA ARG A 359 -15.18 -28.38 11.35
C ARG A 359 -16.21 -27.74 10.44
N PRO A 360 -16.55 -28.32 9.28
CA PRO A 360 -17.67 -27.81 8.47
C PRO A 360 -18.91 -27.57 9.33
N GLY A 361 -19.60 -26.45 9.11
CA GLY A 361 -20.81 -26.08 9.86
C GLY A 361 -20.56 -25.28 11.13
N SER A 362 -19.32 -25.23 11.62
CA SER A 362 -18.96 -24.46 12.84
C SER A 362 -18.93 -22.96 12.51
N SER A 363 -19.30 -22.12 13.46
CA SER A 363 -19.20 -20.65 13.35
C SER A 363 -17.73 -20.29 13.34
N LEU A 364 -17.40 -19.10 12.82
CA LEU A 364 -16.00 -18.61 12.67
C LEU A 364 -15.64 -17.84 13.94
N GLY A 365 -14.91 -18.48 14.87
CA GLY A 365 -14.43 -17.84 16.09
C GLY A 365 -13.36 -16.79 15.77
N LEU A 366 -13.55 -15.53 16.19
CA LEU A 366 -12.52 -14.46 16.04
C LEU A 366 -12.30 -13.80 17.39
N PRO A 367 -11.16 -14.08 18.10
CA PRO A 367 -10.96 -13.52 19.42
C PRO A 367 -10.93 -11.99 19.42
N ALA A 368 -11.10 -11.39 20.58
CA ALA A 368 -10.93 -9.95 20.87
C ALA A 368 -9.62 -9.47 20.27
N PHE A 369 -9.60 -8.21 19.84
CA PHE A 369 -8.42 -7.52 19.27
C PHE A 369 -7.63 -8.51 18.41
N SER A 370 -8.23 -8.99 17.34
CA SER A 370 -7.53 -9.87 16.36
C SER A 370 -8.06 -9.64 14.95
N TYR A 371 -7.41 -10.27 13.98
CA TYR A 371 -7.82 -10.33 12.57
C TYR A 371 -7.49 -11.72 12.06
N SER A 372 -8.30 -12.19 11.12
CA SER A 372 -8.15 -13.54 10.53
C SER A 372 -8.62 -13.45 9.08
N PHE A 373 -8.10 -14.36 8.26
CA PHE A 373 -8.61 -14.74 6.93
C PHE A 373 -9.35 -16.05 7.12
N PHE A 374 -10.41 -16.26 6.33
CA PHE A 374 -11.15 -17.53 6.20
C PHE A 374 -11.33 -17.80 4.71
N VAL A 375 -10.83 -18.96 4.27
CA VAL A 375 -11.04 -19.42 2.87
C VAL A 375 -12.17 -20.43 2.86
N ILE A 376 -13.20 -20.14 2.08
CA ILE A 376 -14.42 -20.96 1.91
C ILE A 376 -14.19 -21.84 0.69
N ARG A 377 -13.74 -23.07 0.95
CA ARG A 377 -13.31 -24.05 -0.08
C ARG A 377 -14.56 -24.59 -0.78
N ASN A 378 -14.49 -24.70 -2.10
CA ASN A 378 -15.60 -25.27 -2.91
C ASN A 378 -16.86 -24.42 -2.72
N ALA A 379 -16.71 -23.09 -2.61
CA ALA A 379 -17.84 -22.13 -2.59
C ALA A 379 -18.53 -22.09 -3.97
N LYS A 380 -17.81 -22.48 -5.04
CA LYS A 380 -18.26 -22.48 -6.43
C LYS A 380 -18.97 -21.15 -6.77
N VAL A 381 -18.33 -20.01 -6.50
CA VAL A 381 -18.95 -18.70 -6.88
C VAL A 381 -18.56 -18.41 -8.34
N ALA A 382 -19.56 -18.39 -9.23
CA ALA A 382 -19.41 -18.16 -10.67
C ALA A 382 -18.63 -16.87 -10.94
N ALA A 383 -19.00 -15.77 -10.29
CA ALA A 383 -18.32 -14.46 -10.45
C ALA A 383 -16.82 -14.59 -10.20
N CYS A 384 -16.36 -15.61 -9.48
CA CYS A 384 -14.91 -15.85 -9.26
C CYS A 384 -14.36 -16.67 -10.44
N ILE A 385 -14.93 -17.86 -10.70
CA ILE A 385 -14.49 -18.82 -11.78
C ILE A 385 -14.17 -18.01 -13.03
N GLN B 1 -25.55 -12.64 23.55
CA GLN B 1 -24.62 -13.59 22.89
C GLN B 1 -23.70 -12.82 21.94
N ASP B 2 -22.68 -13.50 21.39
CA ASP B 2 -21.62 -12.89 20.55
C ASP B 2 -21.60 -13.62 19.21
N VAL B 3 -22.73 -14.16 18.77
CA VAL B 3 -22.91 -14.76 17.41
C VAL B 3 -23.37 -13.62 16.49
N VAL B 4 -22.80 -13.55 15.29
CA VAL B 4 -22.97 -12.44 14.30
C VAL B 4 -23.20 -13.08 12.94
N ASP B 5 -24.25 -12.67 12.25
CA ASP B 5 -24.62 -13.23 10.93
C ASP B 5 -23.99 -12.32 9.87
N LEU B 6 -23.33 -12.93 8.89
CA LEU B 6 -22.78 -12.23 7.72
C LEU B 6 -23.77 -12.31 6.55
N ASP B 7 -23.94 -11.18 5.83
CA ASP B 7 -24.51 -11.14 4.46
C ASP B 7 -23.36 -11.00 3.45
N PHE B 8 -23.43 -11.78 2.37
CA PHE B 8 -22.43 -11.81 1.29
C PHE B 8 -23.10 -11.40 0.00
N PHE B 9 -22.44 -10.52 -0.75
CA PHE B 9 -22.80 -10.22 -2.16
C PHE B 9 -21.79 -10.90 -3.06
N THR B 10 -22.22 -11.83 -3.92
CA THR B 10 -21.31 -12.63 -4.79
C THR B 10 -21.80 -12.74 -6.24
N GLN B 11 -22.74 -11.90 -6.72
CA GLN B 11 -23.32 -12.01 -8.08
C GLN B 11 -22.27 -11.65 -9.14
N GLU B 12 -21.49 -10.60 -8.88
CA GLU B 12 -20.41 -10.15 -9.78
C GLU B 12 -19.35 -9.45 -8.95
N PRO B 13 -18.12 -9.34 -9.48
CA PRO B 13 -17.10 -8.50 -8.88
C PRO B 13 -17.57 -7.05 -8.92
N LEU B 14 -17.47 -6.35 -7.78
CA LEU B 14 -17.76 -4.90 -7.65
C LEU B 14 -16.56 -4.09 -8.10
N HIS B 15 -15.35 -4.67 -8.04
CA HIS B 15 -14.12 -4.01 -8.49
C HIS B 15 -13.09 -5.09 -8.81
N LEU B 16 -12.09 -4.68 -9.57
CA LEU B 16 -10.88 -5.48 -9.89
C LEU B 16 -9.66 -4.70 -9.40
N VAL B 17 -8.93 -5.17 -8.40
CA VAL B 17 -7.66 -4.50 -8.02
C VAL B 17 -6.54 -5.11 -8.88
N SER B 18 -5.43 -4.39 -8.98
CA SER B 18 -4.19 -4.85 -9.62
C SER B 18 -3.73 -6.11 -8.90
N PRO B 19 -3.11 -7.11 -9.61
CA PRO B 19 -2.34 -8.15 -8.92
C PRO B 19 -1.35 -7.51 -7.92
N SER B 20 -0.91 -6.28 -8.25
CA SER B 20 0.05 -5.48 -7.44
C SER B 20 -0.65 -4.56 -6.41
N PHE B 21 -1.95 -4.75 -6.16
CA PHE B 21 -2.73 -4.01 -5.15
C PHE B 21 -1.95 -3.69 -3.88
N LEU B 22 -1.34 -4.68 -3.23
CA LEU B 22 -0.53 -4.43 -2.01
C LEU B 22 0.91 -4.17 -2.45
N SER B 23 1.27 -2.89 -2.57
CA SER B 23 2.58 -2.39 -3.02
C SER B 23 3.25 -1.64 -1.87
N VAL B 24 4.50 -1.20 -2.09
CA VAL B 24 5.38 -0.66 -1.00
C VAL B 24 6.17 0.54 -1.53
N THR B 25 6.69 1.35 -0.62
CA THR B 25 7.59 2.47 -0.94
C THR B 25 8.96 2.15 -0.30
N ILE B 26 10.01 2.74 -0.88
CA ILE B 26 11.25 3.11 -0.15
C ILE B 26 11.33 4.63 -0.19
N ASP B 27 11.50 5.24 0.97
CA ASP B 27 11.54 6.73 1.09
C ASP B 27 12.78 7.25 0.33
N ALA B 28 12.61 8.36 -0.37
CA ALA B 28 13.68 8.99 -1.16
C ALA B 28 14.87 9.32 -0.24
N ASN B 29 14.60 9.60 1.05
CA ASN B 29 15.60 9.92 2.11
C ASN B 29 16.64 8.82 2.24
N LEU B 30 16.35 7.57 1.87
CA LEU B 30 17.25 6.42 2.12
C LEU B 30 18.45 6.46 1.16
N ALA B 31 18.32 7.15 0.04
CA ALA B 31 19.46 7.46 -0.87
C ALA B 31 20.42 8.50 -0.25
N THR B 32 20.16 9.03 0.94
CA THR B 32 21.11 9.91 1.68
C THR B 32 21.77 9.12 2.81
N ASP B 33 21.42 7.84 2.99
CA ASP B 33 22.09 6.95 3.98
C ASP B 33 23.44 6.53 3.40
N PRO B 34 24.55 6.71 4.16
CA PRO B 34 25.85 6.20 3.75
C PRO B 34 25.82 4.72 3.36
N ARG B 35 25.00 3.92 4.06
CA ARG B 35 24.96 2.43 4.00
C ARG B 35 23.95 1.94 2.94
N PHE B 36 23.36 2.87 2.15
CA PHE B 36 22.29 2.60 1.16
C PHE B 36 22.60 1.32 0.39
N LEU B 37 23.84 1.23 -0.11
CA LEU B 37 24.31 0.12 -0.97
C LEU B 37 24.25 -1.23 -0.20
N ILE B 38 24.74 -1.28 1.04
CA ILE B 38 24.69 -2.50 1.89
C ILE B 38 23.22 -2.90 2.11
N LEU B 39 22.36 -1.92 2.36
CA LEU B 39 20.96 -2.17 2.80
C LEU B 39 20.21 -2.86 1.65
N LEU B 40 20.24 -2.32 0.44
CA LEU B 40 19.47 -2.92 -0.68
C LEU B 40 20.21 -4.12 -1.24
N GLY B 41 21.50 -4.32 -0.89
CA GLY B 41 22.27 -5.51 -1.27
C GLY B 41 21.82 -6.75 -0.52
N SER B 42 21.29 -6.56 0.69
CA SER B 42 21.01 -7.63 1.67
C SER B 42 20.28 -8.77 0.98
N PRO B 43 20.88 -9.98 0.94
CA PRO B 43 20.15 -11.17 0.52
C PRO B 43 18.83 -11.33 1.30
N LYS B 44 18.86 -11.15 2.62
CA LYS B 44 17.72 -11.38 3.54
C LYS B 44 16.53 -10.50 3.11
N LEU B 45 16.80 -9.22 2.92
CA LEU B 45 15.83 -8.19 2.49
C LEU B 45 15.26 -8.56 1.11
N ARG B 46 16.11 -9.08 0.22
CA ARG B 46 15.67 -9.49 -1.13
C ARG B 46 14.63 -10.59 -0.98
N THR B 47 14.84 -11.54 -0.06
CA THR B 47 13.94 -12.69 0.18
C THR B 47 12.57 -12.13 0.56
N LEU B 48 12.53 -11.28 1.60
CA LEU B 48 11.31 -10.58 2.11
C LEU B 48 10.62 -9.80 0.97
N ALA B 49 11.34 -8.99 0.21
CA ALA B 49 10.82 -8.26 -0.97
C ALA B 49 10.19 -9.21 -1.99
N ARG B 50 10.86 -10.32 -2.30
CA ARG B 50 10.37 -11.29 -3.33
C ARG B 50 9.03 -11.86 -2.86
N GLY B 51 8.84 -12.05 -1.55
CA GLY B 51 7.57 -12.56 -0.99
C GLY B 51 6.37 -11.66 -1.27
N LEU B 52 6.57 -10.38 -1.55
CA LEU B 52 5.48 -9.39 -1.83
C LEU B 52 5.26 -9.24 -3.33
N SER B 53 6.08 -9.92 -4.14
CA SER B 53 5.94 -9.92 -5.62
C SER B 53 4.63 -10.61 -5.97
N PRO B 54 3.82 -10.10 -6.91
CA PRO B 54 4.07 -8.83 -7.59
C PRO B 54 3.56 -7.59 -6.81
N ALA B 55 4.32 -6.51 -6.97
CA ALA B 55 4.15 -5.22 -6.26
C ALA B 55 4.83 -4.11 -7.07
N TYR B 56 4.30 -2.90 -7.03
CA TYR B 56 5.08 -1.69 -7.33
C TYR B 56 5.98 -1.41 -6.12
N LEU B 57 7.18 -0.91 -6.41
CA LEU B 57 8.11 -0.26 -5.45
C LEU B 57 8.24 1.20 -5.84
N ARG B 58 7.67 2.10 -5.04
CA ARG B 58 7.78 3.56 -5.27
C ARG B 58 9.00 4.10 -4.51
N PHE B 59 9.98 4.65 -5.24
CA PHE B 59 11.10 5.42 -4.68
C PHE B 59 10.67 6.89 -4.68
N GLY B 60 10.34 7.40 -3.50
CA GLY B 60 9.69 8.71 -3.35
C GLY B 60 9.55 9.08 -1.89
N GLY B 61 9.36 10.38 -1.65
CA GLY B 61 9.35 10.95 -0.30
C GLY B 61 9.40 12.46 -0.36
N THR B 62 9.29 13.12 0.79
CA THR B 62 9.62 14.55 0.93
C THR B 62 10.90 14.83 0.12
N LYS B 63 11.95 14.02 0.27
CA LYS B 63 13.28 14.30 -0.34
C LYS B 63 13.25 14.18 -1.88
N THR B 64 12.23 13.55 -2.45
CA THR B 64 11.99 13.51 -3.93
C THR B 64 12.30 14.88 -4.56
N ASP B 65 11.91 15.96 -3.90
CA ASP B 65 11.94 17.32 -4.46
C ASP B 65 13.19 18.07 -3.96
N PHE B 66 14.18 17.35 -3.45
CA PHE B 66 15.50 17.89 -3.00
C PHE B 66 16.61 16.94 -3.46
N LEU B 67 16.38 16.14 -4.50
CA LEU B 67 17.36 15.15 -5.03
C LEU B 67 17.71 15.55 -6.45
N ILE B 68 19.00 15.77 -6.71
CA ILE B 68 19.53 16.21 -8.03
C ILE B 68 20.41 15.08 -8.58
N PHE B 69 20.19 14.67 -9.84
CA PHE B 69 20.97 13.58 -10.47
C PHE B 69 22.32 14.13 -10.94
N ASP B 70 23.41 13.50 -10.50
CA ASP B 70 24.81 13.85 -10.84
C ASP B 70 25.42 12.72 -11.69
N PRO B 71 25.47 12.87 -13.04
CA PRO B 71 26.11 11.88 -13.90
C PRO B 71 27.60 11.65 -13.56
N LYS B 72 28.24 12.61 -12.88
CA LYS B 72 29.67 12.54 -12.50
C LYS B 72 29.81 11.68 -11.24
N LYS B 73 29.26 12.13 -10.11
CA LYS B 73 29.50 11.61 -8.73
C LYS B 73 29.81 10.10 -8.76
N GLU B 74 30.76 9.64 -7.94
CA GLU B 74 30.99 8.20 -7.70
C GLU B 74 30.00 7.73 -6.63
#